data_5GKW
#
_entry.id   5GKW
#
_cell.length_a   51.856
_cell.length_b   60.541
_cell.length_c   119.272
_cell.angle_alpha   90.00
_cell.angle_beta   90.00
_cell.angle_gamma   90.00
#
_symmetry.space_group_name_H-M   'P 21 21 2'
#
loop_
_entity.id
_entity.type
_entity.pdbx_description
1 polymer 'Limonene-1,2-epoxide hydrolase'
2 non-polymer (1~{R},2~{R})-cyclopentane-1,2-diol
3 water water
#
_entity_poly.entity_id   1
_entity_poly.type   'polypeptide(L)'
_entity_poly.pdbx_seq_one_letter_code
;MHHHHHHTSKIEQPRWASKDSAAGAASTPDEKIVLEFVDALTSNDAAKLIEYFAEDTMYQNMPLPPAYGRDAVEQTLAGL
FTVVSVDAVETFHIGSSNGLVYTERVDVLRALPTGKSYNFSILGVFQLTEGKITGWRDYFDLREFEEAVDLPLRG
;
_entity_poly.pdbx_strand_id   A,B
#
loop_
_chem_comp.id
_chem_comp.type
_chem_comp.name
_chem_comp.formula
6VV non-polymer (1~{R},2~{R})-cyclopentane-1,2-diol 'C5 H10 O2'
#
# COMPACT_ATOMS: atom_id res chain seq x y z
N ILE A 11 -28.40 -5.68 2.32
CA ILE A 11 -27.18 -6.37 2.72
C ILE A 11 -26.59 -5.77 4.01
N GLU A 12 -26.82 -6.46 5.10
CA GLU A 12 -26.54 -5.94 6.43
C GLU A 12 -25.06 -5.92 6.77
N GLN A 13 -24.70 -5.24 7.85
CA GLN A 13 -23.39 -5.40 8.46
C GLN A 13 -23.42 -6.66 9.31
N PRO A 14 -22.42 -7.54 9.14
CA PRO A 14 -22.28 -8.75 9.95
C PRO A 14 -22.06 -8.42 11.43
N ARG A 15 -22.43 -9.35 12.32
CA ARG A 15 -22.22 -9.20 13.76
C ARG A 15 -20.76 -8.96 14.09
N TRP A 16 -19.88 -9.55 13.29
CA TRP A 16 -18.45 -9.54 13.60
C TRP A 16 -17.70 -8.33 13.04
N ALA A 17 -18.40 -7.48 12.30
CA ALA A 17 -17.78 -6.28 11.72
C ALA A 17 -17.21 -5.37 12.81
N SER A 18 -16.01 -4.87 12.59
CA SER A 18 -15.34 -4.02 13.56
C SER A 18 -15.17 -2.60 13.03
N LYS A 19 -15.63 -1.61 13.77
CA LYS A 19 -15.53 -0.23 13.33
C LYS A 19 -14.08 0.20 13.17
N ASP A 20 -13.19 -0.45 13.91
CA ASP A 20 -11.78 -0.07 13.91
C ASP A 20 -11.12 -0.32 12.56
N SER A 21 -11.67 -1.26 11.80
CA SER A 21 -11.11 -1.55 10.49
C SER A 21 -12.13 -1.31 9.37
N ALA A 22 -13.11 -0.44 9.62
CA ALA A 22 -14.14 -0.15 8.62
C ALA A 22 -13.55 0.52 7.39
N ALA A 23 -14.23 0.39 6.25
CA ALA A 23 -13.74 0.94 4.99
C ALA A 23 -13.53 2.44 5.09
N GLY A 24 -14.43 3.11 5.80
CA GLY A 24 -14.36 4.55 5.95
C GLY A 24 -13.19 4.96 6.81
N ALA A 25 -12.52 4.00 7.43
CA ALA A 25 -11.40 4.35 8.29
C ALA A 25 -10.07 4.11 7.62
N ALA A 26 -10.08 3.68 6.35
CA ALA A 26 -8.85 3.49 5.58
C ALA A 26 -7.92 4.67 5.74
N SER A 27 -6.64 4.41 5.97
CA SER A 27 -5.75 5.47 6.42
C SER A 27 -4.33 5.36 5.89
N THR A 28 -4.17 4.70 4.75
CA THR A 28 -2.90 4.74 4.03
C THR A 28 -3.23 4.91 2.54
N PRO A 29 -2.27 5.43 1.76
CA PRO A 29 -2.47 5.53 0.31
C PRO A 29 -2.92 4.21 -0.29
N ASP A 30 -2.27 3.10 0.10
CA ASP A 30 -2.58 1.80 -0.53
C ASP A 30 -3.99 1.35 -0.20
N GLU A 31 -4.41 1.56 1.04
CA GLU A 31 -5.76 1.21 1.44
C GLU A 31 -6.79 1.99 0.62
N LYS A 32 -6.52 3.27 0.42
CA LYS A 32 -7.46 4.14 -0.28
C LYS A 32 -7.54 3.78 -1.75
N ILE A 33 -6.40 3.40 -2.32
CA ILE A 33 -6.39 2.98 -3.71
C ILE A 33 -7.18 1.68 -3.89
N VAL A 34 -6.94 0.71 -3.00
CA VAL A 34 -7.63 -0.58 -3.11
C VAL A 34 -9.13 -0.43 -2.88
N LEU A 35 -9.50 0.43 -1.94
CA LEU A 35 -10.91 0.66 -1.71
C LEU A 35 -11.55 1.22 -2.97
N GLU A 36 -10.86 2.18 -3.59
CA GLU A 36 -11.32 2.78 -4.82
C GLU A 36 -11.50 1.73 -5.93
N PHE A 37 -10.53 0.84 -6.04
CA PHE A 37 -10.56 -0.21 -7.05
C PHE A 37 -11.73 -1.19 -6.86
N VAL A 38 -11.92 -1.71 -5.65
CA VAL A 38 -12.99 -2.69 -5.49
C VAL A 38 -14.33 -1.97 -5.63
N ASP A 39 -14.40 -0.70 -5.25
CA ASP A 39 -15.59 0.08 -5.56
C ASP A 39 -15.80 0.24 -7.08
N ALA A 40 -14.72 0.32 -7.84
CA ALA A 40 -14.87 0.49 -9.28
C ALA A 40 -15.24 -0.81 -9.97
N LEU A 41 -15.35 -1.89 -9.22
CA LEU A 41 -15.68 -3.16 -9.86
C LEU A 41 -17.08 -3.13 -10.44
N THR A 42 -17.97 -2.34 -9.83
CA THR A 42 -19.34 -2.23 -10.34
C THR A 42 -19.38 -1.55 -11.72
N SER A 43 -18.25 -1.01 -12.16
CA SER A 43 -18.10 -0.50 -13.51
C SER A 43 -18.46 -1.55 -14.54
N ASN A 44 -18.15 -2.80 -14.24
CA ASN A 44 -18.21 -3.86 -15.23
C ASN A 44 -17.32 -3.51 -16.42
N ASP A 45 -16.26 -2.75 -16.17
CA ASP A 45 -15.48 -2.12 -17.24
C ASP A 45 -13.99 -2.48 -17.19
N ALA A 46 -13.61 -3.49 -17.95
CA ALA A 46 -12.25 -4.02 -17.88
C ALA A 46 -11.19 -2.98 -18.28
N ALA A 47 -11.52 -2.13 -19.25
CA ALA A 47 -10.57 -1.14 -19.77
C ALA A 47 -10.26 -0.06 -18.74
N LYS A 48 -11.26 0.31 -17.94
CA LYS A 48 -11.04 1.22 -16.82
C LYS A 48 -10.31 0.53 -15.69
N LEU A 49 -10.69 -0.71 -15.40
CA LEU A 49 -10.13 -1.40 -14.24
C LEU A 49 -8.68 -1.78 -14.44
N ILE A 50 -8.29 -2.06 -15.69
CA ILE A 50 -6.94 -2.53 -15.96
C ILE A 50 -5.90 -1.43 -15.70
N GLU A 51 -6.36 -0.18 -15.71
CA GLU A 51 -5.45 0.94 -15.44
C GLU A 51 -4.90 0.94 -14.00
N TYR A 52 -5.54 0.19 -13.10
CA TYR A 52 -5.04 0.09 -11.72
C TYR A 52 -3.88 -0.90 -11.59
N PHE A 53 -3.56 -1.63 -12.66
CA PHE A 53 -2.61 -2.74 -12.57
C PHE A 53 -1.26 -2.36 -13.17
N ALA A 54 -0.20 -2.86 -12.54
CA ALA A 54 1.13 -2.78 -13.09
C ALA A 54 1.26 -3.76 -14.24
N GLU A 55 2.27 -3.59 -15.07
CA GLU A 55 2.52 -4.54 -16.16
C GLU A 55 2.81 -5.91 -15.57
N ASP A 56 3.67 -5.93 -14.55
CA ASP A 56 4.00 -7.16 -13.85
C ASP A 56 3.02 -7.37 -12.70
N THR A 57 2.06 -8.26 -12.91
CA THR A 57 0.95 -8.35 -11.99
C THR A 57 0.32 -9.72 -12.06
N MET A 58 -0.63 -9.96 -11.17
CA MET A 58 -1.38 -11.20 -11.20
C MET A 58 -2.72 -11.02 -10.53
N TYR A 59 -3.66 -11.87 -10.92
CA TYR A 59 -5.02 -11.84 -10.44
C TYR A 59 -5.51 -13.28 -10.40
N GLN A 60 -6.02 -13.71 -9.26
CA GLN A 60 -6.53 -15.06 -9.14
C GLN A 60 -7.77 -15.11 -8.26
N ASN A 61 -8.77 -15.88 -8.70
CA ASN A 61 -9.85 -16.36 -7.84
C ASN A 61 -9.41 -17.72 -7.32
N MET A 62 -9.00 -17.79 -6.06
CA MET A 62 -8.38 -19.01 -5.55
C MET A 62 -9.36 -20.16 -5.58
N PRO A 63 -8.91 -21.36 -6.00
CA PRO A 63 -7.60 -21.75 -6.51
C PRO A 63 -7.64 -21.93 -8.04
N LEU A 64 -8.52 -21.21 -8.71
CA LEU A 64 -8.58 -21.31 -10.18
C LEU A 64 -7.26 -20.85 -10.81
N PRO A 65 -6.99 -21.27 -12.07
CA PRO A 65 -5.76 -20.83 -12.72
C PRO A 65 -5.57 -19.32 -12.65
N PRO A 66 -4.37 -18.87 -12.23
CA PRO A 66 -4.14 -17.44 -12.12
C PRO A 66 -3.89 -16.74 -13.44
N ALA A 67 -4.19 -15.45 -13.47
CA ALA A 67 -3.74 -14.58 -14.56
C ALA A 67 -2.45 -13.89 -14.15
N TYR A 68 -1.39 -14.04 -14.94
CA TYR A 68 -0.18 -13.25 -14.71
C TYR A 68 0.09 -12.33 -15.89
N GLY A 69 0.43 -11.08 -15.61
CA GLY A 69 0.67 -10.13 -16.68
C GLY A 69 -0.60 -9.37 -16.97
N ARG A 70 -0.44 -8.09 -17.34
CA ARG A 70 -1.54 -7.18 -17.49
C ARG A 70 -2.52 -7.62 -18.58
N ASP A 71 -1.98 -8.16 -19.68
CA ASP A 71 -2.82 -8.67 -20.77
C ASP A 71 -3.77 -9.78 -20.30
N ALA A 72 -3.22 -10.77 -19.63
CA ALA A 72 -4.04 -11.87 -19.11
C ALA A 72 -5.09 -11.37 -18.11
N VAL A 73 -4.70 -10.41 -17.27
CA VAL A 73 -5.66 -9.89 -16.29
C VAL A 73 -6.78 -9.19 -17.04
N GLU A 74 -6.40 -8.40 -18.03
CA GLU A 74 -7.40 -7.63 -18.75
C GLU A 74 -8.39 -8.56 -19.42
N GLN A 75 -7.86 -9.61 -20.05
CA GLN A 75 -8.68 -10.55 -20.79
C GLN A 75 -9.65 -11.27 -19.85
N THR A 76 -9.17 -11.67 -18.68
CA THR A 76 -10.06 -12.43 -17.80
C THR A 76 -11.12 -11.50 -17.15
N LEU A 77 -10.75 -10.28 -16.82
CA LEU A 77 -11.73 -9.30 -16.37
C LEU A 77 -12.77 -9.05 -17.47
N ALA A 78 -12.31 -8.94 -18.72
CA ALA A 78 -13.22 -8.68 -19.84
C ALA A 78 -14.17 -9.86 -20.01
N GLY A 79 -13.65 -11.08 -19.96
CA GLY A 79 -14.46 -12.28 -20.07
C GLY A 79 -15.54 -12.33 -18.99
N LEU A 80 -15.15 -12.02 -17.75
CA LEU A 80 -16.10 -11.95 -16.64
C LEU A 80 -17.29 -11.02 -16.90
N PHE A 81 -17.00 -9.83 -17.41
CA PHE A 81 -18.06 -8.84 -17.54
C PHE A 81 -18.92 -9.07 -18.79
N THR A 82 -18.56 -10.07 -19.60
CA THR A 82 -19.45 -10.48 -20.68
C THR A 82 -20.56 -11.45 -20.19
N VAL A 83 -20.40 -12.06 -19.03
CA VAL A 83 -21.41 -13.01 -18.54
C VAL A 83 -21.94 -12.66 -17.15
N VAL A 84 -21.31 -11.67 -16.51
CA VAL A 84 -21.64 -11.30 -15.14
C VAL A 84 -21.61 -9.77 -14.99
N SER A 85 -22.57 -9.24 -14.23
CA SER A 85 -22.49 -7.89 -13.71
C SER A 85 -22.16 -7.93 -12.23
N VAL A 86 -21.14 -7.18 -11.82
CA VAL A 86 -20.86 -7.00 -10.40
C VAL A 86 -21.78 -5.87 -9.99
N ASP A 87 -22.91 -6.23 -9.39
CA ASP A 87 -23.93 -5.27 -9.06
C ASP A 87 -23.59 -4.42 -7.84
N ALA A 88 -22.85 -4.98 -6.90
CA ALA A 88 -22.51 -4.24 -5.69
C ALA A 88 -21.27 -4.83 -5.06
N VAL A 89 -20.45 -3.98 -4.45
CA VAL A 89 -19.35 -4.44 -3.59
C VAL A 89 -19.49 -3.78 -2.23
N GLU A 90 -19.56 -4.58 -1.17
CA GLU A 90 -19.75 -4.01 0.16
C GLU A 90 -18.54 -4.42 1.01
N THR A 91 -17.71 -3.43 1.34
CA THR A 91 -16.46 -3.72 2.05
C THR A 91 -16.65 -3.49 3.55
N PHE A 92 -16.62 -4.59 4.31
CA PHE A 92 -16.78 -4.51 5.77
C PHE A 92 -15.48 -4.07 6.44
N HIS A 93 -14.37 -4.66 6.02
CA HIS A 93 -13.06 -4.33 6.58
C HIS A 93 -12.05 -3.99 5.51
N ILE A 94 -11.21 -3.00 5.76
CA ILE A 94 -10.00 -2.86 4.98
C ILE A 94 -8.85 -2.64 5.94
N GLY A 95 -7.70 -3.20 5.60
CA GLY A 95 -6.52 -3.11 6.45
C GLY A 95 -5.28 -3.43 5.65
N SER A 96 -4.11 -3.26 6.25
CA SER A 96 -2.87 -3.48 5.52
C SER A 96 -1.72 -3.84 6.45
N SER A 97 -0.77 -4.61 5.91
CA SER A 97 0.35 -5.08 6.70
C SER A 97 1.41 -5.61 5.77
N ASN A 98 2.64 -5.16 5.95
CA ASN A 98 3.79 -5.71 5.24
C ASN A 98 3.65 -5.67 3.72
N GLY A 99 3.21 -4.52 3.21
CA GLY A 99 3.03 -4.32 1.78
C GLY A 99 1.80 -4.97 1.16
N LEU A 100 0.97 -5.62 1.99
CA LEU A 100 -0.25 -6.26 1.51
C LEU A 100 -1.51 -5.52 2.03
N VAL A 101 -2.56 -5.49 1.23
CA VAL A 101 -3.82 -4.86 1.62
C VAL A 101 -4.89 -5.93 1.62
N TYR A 102 -5.70 -5.95 2.66
CA TYR A 102 -6.80 -6.92 2.83
C TYR A 102 -8.17 -6.26 2.77
N THR A 103 -9.08 -6.86 2.00
CA THR A 103 -10.47 -6.40 1.97
C THR A 103 -11.37 -7.55 2.37
N GLU A 104 -12.06 -7.40 3.48
CA GLU A 104 -13.06 -8.38 3.84
C GLU A 104 -14.40 -7.82 3.39
N ARG A 105 -15.05 -8.49 2.45
CA ARG A 105 -16.16 -7.83 1.78
C ARG A 105 -17.19 -8.81 1.23
N VAL A 106 -18.23 -8.25 0.62
CA VAL A 106 -19.17 -9.06 -0.15
C VAL A 106 -19.31 -8.49 -1.56
N ASP A 107 -19.12 -9.33 -2.58
CA ASP A 107 -19.44 -8.96 -3.96
C ASP A 107 -20.77 -9.56 -4.35
N VAL A 108 -21.62 -8.76 -4.97
CA VAL A 108 -22.87 -9.23 -5.52
C VAL A 108 -22.72 -9.37 -7.02
N LEU A 109 -22.77 -10.60 -7.50
CA LEU A 109 -22.67 -10.89 -8.93
C LEU A 109 -24.03 -11.28 -9.45
N ARG A 110 -24.43 -10.71 -10.59
CA ARG A 110 -25.66 -11.12 -11.26
C ARG A 110 -25.34 -11.75 -12.63
N ALA A 111 -25.81 -12.98 -12.83
CA ALA A 111 -25.59 -13.65 -14.11
C ALA A 111 -26.39 -12.97 -15.18
N LEU A 112 -25.72 -12.51 -16.24
CA LEU A 112 -26.44 -11.81 -17.31
C LEU A 112 -27.40 -12.73 -18.08
N PRO A 113 -27.02 -14.00 -18.31
CA PRO A 113 -28.04 -14.75 -19.05
C PRO A 113 -29.20 -15.28 -18.20
N THR A 114 -29.06 -15.41 -16.87
CA THR A 114 -30.21 -15.89 -16.11
C THR A 114 -30.88 -14.82 -15.27
N GLY A 115 -30.15 -13.75 -14.97
CA GLY A 115 -30.66 -12.72 -14.10
C GLY A 115 -30.53 -13.12 -12.64
N LYS A 116 -29.99 -14.31 -12.37
CA LYS A 116 -29.87 -14.74 -10.98
C LYS A 116 -28.71 -14.02 -10.32
N SER A 117 -28.92 -13.63 -9.06
CA SER A 117 -27.96 -12.87 -8.28
C SER A 117 -27.29 -13.76 -7.21
N TYR A 118 -26.04 -13.45 -6.87
CA TYR A 118 -25.24 -14.27 -5.95
C TYR A 118 -24.48 -13.39 -5.00
N ASN A 119 -24.55 -13.67 -3.70
CA ASN A 119 -23.74 -12.96 -2.72
C ASN A 119 -22.48 -13.78 -2.39
N PHE A 120 -21.32 -13.24 -2.71
CA PHE A 120 -20.06 -13.92 -2.39
C PHE A 120 -19.31 -13.24 -1.24
N SER A 121 -19.14 -13.96 -0.13
CA SER A 121 -18.34 -13.43 0.97
C SER A 121 -16.87 -13.64 0.63
N ILE A 122 -16.14 -12.53 0.54
CA ILE A 122 -14.77 -12.58 0.06
C ILE A 122 -13.76 -11.94 1.01
N LEU A 123 -12.61 -12.58 1.19
CA LEU A 123 -11.47 -11.91 1.78
C LEU A 123 -10.41 -11.88 0.71
N GLY A 124 -9.96 -10.68 0.39
CA GLY A 124 -9.05 -10.53 -0.72
C GLY A 124 -7.80 -9.86 -0.23
N VAL A 125 -6.68 -10.23 -0.84
CA VAL A 125 -5.41 -9.60 -0.52
C VAL A 125 -4.85 -8.93 -1.77
N PHE A 126 -4.32 -7.72 -1.60
CA PHE A 126 -3.77 -6.98 -2.72
C PHE A 126 -2.33 -6.61 -2.47
N GLN A 127 -1.49 -6.63 -3.50
CA GLN A 127 -0.14 -6.12 -3.34
C GLN A 127 0.06 -5.02 -4.35
N LEU A 128 0.55 -3.87 -3.89
CA LEU A 128 0.76 -2.74 -4.77
C LEU A 128 2.21 -2.36 -4.84
N THR A 129 2.64 -1.91 -6.01
CA THR A 129 3.98 -1.36 -6.13
C THR A 129 3.86 -0.01 -6.80
N GLU A 130 4.31 1.01 -6.08
CA GLU A 130 4.17 2.39 -6.52
C GLU A 130 2.73 2.70 -6.91
N GLY A 131 1.80 2.22 -6.09
CA GLY A 131 0.38 2.52 -6.24
C GLY A 131 -0.34 1.71 -7.31
N LYS A 132 0.38 0.78 -7.94
CA LYS A 132 -0.22 -0.07 -8.96
C LYS A 132 -0.26 -1.51 -8.48
N ILE A 133 -1.32 -2.21 -8.84
CA ILE A 133 -1.58 -3.55 -8.36
C ILE A 133 -0.60 -4.54 -8.98
N THR A 134 0.12 -5.21 -8.07
CA THR A 134 1.13 -6.19 -8.38
C THR A 134 0.57 -7.59 -8.16
N GLY A 135 -0.47 -7.68 -7.35
CA GLY A 135 -1.10 -8.96 -7.09
C GLY A 135 -2.46 -8.78 -6.50
N TRP A 136 -3.38 -9.68 -6.83
CA TRP A 136 -4.76 -9.64 -6.33
C TRP A 136 -5.28 -11.04 -6.25
N ARG A 137 -5.49 -11.55 -5.03
CA ARG A 137 -6.06 -12.88 -4.84
C ARG A 137 -7.30 -12.81 -3.99
N ASP A 138 -8.45 -13.17 -4.57
CA ASP A 138 -9.70 -13.22 -3.81
C ASP A 138 -9.92 -14.63 -3.31
N TYR A 139 -10.27 -14.77 -2.03
CA TYR A 139 -10.61 -16.07 -1.49
C TYR A 139 -12.08 -16.11 -1.14
N PHE A 140 -12.79 -17.08 -1.69
CA PHE A 140 -14.20 -17.25 -1.40
C PHE A 140 -14.63 -18.62 -1.86
N ASP A 141 -15.89 -18.95 -1.55
CA ASP A 141 -16.48 -20.27 -1.87
C ASP A 141 -16.83 -20.34 -3.35
N LEU A 142 -16.30 -21.31 -4.10
CA LEU A 142 -16.60 -21.28 -5.53
C LEU A 142 -17.76 -22.19 -5.90
N ARG A 143 -18.43 -22.76 -4.89
CA ARG A 143 -19.53 -23.67 -5.19
C ARG A 143 -20.56 -23.07 -6.14
N GLU A 144 -20.93 -21.81 -5.94
CA GLU A 144 -21.95 -21.19 -6.80
C GLU A 144 -21.30 -20.44 -7.96
N PHE A 145 -20.00 -20.25 -7.88
CA PHE A 145 -19.28 -19.54 -8.91
C PHE A 145 -19.40 -20.19 -10.29
N GLU A 146 -19.36 -21.52 -10.37
CA GLU A 146 -19.44 -22.15 -11.70
C GLU A 146 -20.79 -21.91 -12.35
N GLU A 147 -21.84 -21.88 -11.55
CA GLU A 147 -23.18 -21.60 -12.06
C GLU A 147 -23.33 -20.12 -12.40
N ALA A 148 -22.74 -19.27 -11.57
CA ALA A 148 -22.91 -17.83 -11.71
C ALA A 148 -22.16 -17.30 -12.91
N VAL A 149 -20.93 -17.76 -13.14
CA VAL A 149 -20.21 -17.28 -14.31
C VAL A 149 -20.41 -18.32 -15.41
N ASP A 150 -20.95 -17.86 -16.54
CA ASP A 150 -21.28 -18.73 -17.65
C ASP A 150 -20.07 -18.90 -18.55
N LEU A 151 -18.95 -19.24 -17.92
CA LEU A 151 -17.73 -19.62 -18.60
C LEU A 151 -17.25 -20.91 -17.96
N PRO A 152 -16.69 -21.83 -18.77
CA PRO A 152 -16.14 -23.08 -18.22
C PRO A 152 -15.08 -22.80 -17.17
N LEU A 153 -15.23 -23.36 -15.99
CA LEU A 153 -14.16 -23.30 -15.01
C LEU A 153 -12.99 -24.06 -15.62
N ARG A 154 -11.78 -23.56 -15.41
CA ARG A 154 -10.60 -24.22 -15.91
C ARG A 154 -9.88 -24.85 -14.75
N GLY A 155 -10.68 -25.14 -13.71
CA GLY A 155 -10.19 -25.76 -12.49
C GLY A 155 -11.33 -25.95 -11.50
N GLU B 12 26.26 0.63 19.66
CA GLU B 12 25.72 -0.56 20.31
C GLU B 12 24.23 -0.46 20.55
N GLN B 13 23.60 -1.59 20.37
CA GLN B 13 22.19 -1.74 20.62
C GLN B 13 21.68 -1.56 22.06
N PRO B 14 20.75 -0.61 22.21
CA PRO B 14 20.17 -0.47 23.54
C PRO B 14 19.34 -1.70 23.76
N ARG B 15 19.60 -2.44 24.82
CA ARG B 15 19.00 -3.75 24.94
C ARG B 15 17.47 -3.71 25.00
N TRP B 16 16.88 -2.52 24.86
CA TRP B 16 15.44 -2.44 24.65
C TRP B 16 15.13 -2.49 23.15
N ALA B 17 16.16 -2.69 22.34
CA ALA B 17 15.97 -2.99 20.92
C ALA B 17 15.19 -4.28 20.81
N SER B 18 14.07 -4.22 20.09
CA SER B 18 13.08 -5.30 20.09
C SER B 18 13.40 -6.45 19.14
N LYS B 19 14.05 -6.11 18.03
CA LYS B 19 14.34 -7.03 16.93
C LYS B 19 13.08 -7.33 16.11
N ASP B 20 11.92 -7.33 16.77
CA ASP B 20 10.64 -7.39 16.05
C ASP B 20 10.48 -6.17 15.11
N SER B 21 11.10 -5.04 15.49
CA SER B 21 11.03 -3.83 14.66
C SER B 21 12.42 -3.35 14.18
N ALA B 22 13.36 -4.30 14.12
CA ALA B 22 14.73 -4.00 13.68
C ALA B 22 14.81 -3.45 12.26
N ALA B 23 15.90 -2.74 11.99
CA ALA B 23 16.15 -2.20 10.66
C ALA B 23 16.18 -3.30 9.61
N GLY B 24 16.70 -4.45 10.00
CA GLY B 24 16.87 -5.58 9.09
C GLY B 24 15.59 -6.20 8.58
N ALA B 25 14.44 -5.77 9.11
CA ALA B 25 13.17 -6.35 8.69
C ALA B 25 12.08 -5.31 8.38
N ALA B 26 12.45 -4.22 7.72
CA ALA B 26 11.51 -3.15 7.37
C ALA B 26 10.16 -3.71 6.92
N SER B 27 10.11 -4.26 5.71
CA SER B 27 8.96 -5.00 5.16
C SER B 27 7.82 -4.19 4.50
N THR B 28 7.97 -2.88 4.30
CA THR B 28 7.10 -2.16 3.37
C THR B 28 8.00 -1.30 2.49
N PRO B 29 7.52 -0.89 1.29
CA PRO B 29 8.42 -0.06 0.47
C PRO B 29 8.80 1.25 1.17
N ASP B 30 7.85 1.86 1.87
CA ASP B 30 8.13 3.10 2.57
C ASP B 30 9.21 2.93 3.63
N GLU B 31 9.11 1.86 4.42
CA GLU B 31 10.09 1.64 5.48
C GLU B 31 11.48 1.42 4.86
N LYS B 32 11.51 0.74 3.72
CA LYS B 32 12.77 0.40 3.08
C LYS B 32 13.50 1.63 2.55
N ILE B 33 12.76 2.52 1.90
CA ILE B 33 13.41 3.68 1.31
C ILE B 33 13.84 4.65 2.42
N VAL B 34 13.09 4.70 3.52
CA VAL B 34 13.44 5.57 4.64
C VAL B 34 14.69 5.03 5.34
N LEU B 35 14.78 3.72 5.45
CA LEU B 35 16.00 3.09 5.95
C LEU B 35 17.16 3.42 5.00
N GLU B 36 16.92 3.30 3.70
CA GLU B 36 17.91 3.64 2.68
C GLU B 36 18.39 5.09 2.84
N PHE B 37 17.45 5.96 3.20
CA PHE B 37 17.71 7.36 3.37
C PHE B 37 18.66 7.63 4.52
N VAL B 38 18.29 7.16 5.71
CA VAL B 38 19.06 7.49 6.89
C VAL B 38 20.43 6.84 6.84
N ASP B 39 20.54 5.73 6.14
CA ASP B 39 21.85 5.11 5.94
C ASP B 39 22.70 5.96 5.02
N ALA B 40 22.06 6.67 4.11
CA ALA B 40 22.77 7.50 3.16
C ALA B 40 23.26 8.79 3.82
N LEU B 41 22.66 9.14 4.95
CA LEU B 41 23.03 10.36 5.66
C LEU B 41 24.53 10.38 5.90
N THR B 42 25.10 9.20 6.06
CA THR B 42 26.55 9.01 6.20
C THR B 42 27.36 9.67 5.09
N SER B 43 26.72 10.01 3.97
CA SER B 43 27.43 10.62 2.85
C SER B 43 27.58 12.13 2.99
N ASN B 44 26.50 12.78 3.41
CA ASN B 44 26.43 14.24 3.57
C ASN B 44 26.71 14.99 2.27
N ASP B 45 26.78 14.26 1.17
CA ASP B 45 26.62 14.84 -0.15
C ASP B 45 25.15 15.16 -0.29
N ALA B 46 24.80 16.43 -0.12
CA ALA B 46 23.39 16.81 -0.07
C ALA B 46 22.74 16.70 -1.44
N ALA B 47 23.56 16.64 -2.48
CA ALA B 47 23.06 16.47 -3.83
C ALA B 47 22.32 15.14 -3.95
N LYS B 48 22.91 14.08 -3.40
CA LYS B 48 22.26 12.78 -3.41
C LYS B 48 21.09 12.73 -2.44
N LEU B 49 21.28 13.34 -1.27
CA LEU B 49 20.27 13.29 -0.21
C LEU B 49 18.95 13.96 -0.60
N ILE B 50 19.00 14.96 -1.46
CA ILE B 50 17.81 15.73 -1.80
C ILE B 50 16.91 14.99 -2.79
N GLU B 51 17.50 14.03 -3.52
CA GLU B 51 16.76 13.28 -4.53
C GLU B 51 15.68 12.42 -3.88
N TYR B 52 15.82 12.16 -2.59
CA TYR B 52 14.83 11.40 -1.84
C TYR B 52 13.62 12.24 -1.48
N PHE B 53 13.72 13.55 -1.67
CA PHE B 53 12.67 14.45 -1.20
C PHE B 53 11.67 14.80 -2.28
N ALA B 54 10.41 14.95 -1.90
CA ALA B 54 9.42 15.53 -2.78
C ALA B 54 9.78 17.00 -2.95
N GLU B 55 9.34 17.60 -4.05
CA GLU B 55 9.58 19.03 -4.23
C GLU B 55 8.80 19.78 -3.16
N ASP B 56 7.55 19.36 -2.94
CA ASP B 56 6.77 19.87 -1.82
C ASP B 56 7.03 19.00 -0.60
N THR B 57 7.68 19.59 0.39
CA THR B 57 8.10 18.85 1.57
C THR B 57 8.33 19.78 2.75
N MET B 58 8.70 19.18 3.88
CA MET B 58 8.99 19.91 5.10
C MET B 58 9.97 19.11 5.94
N TYR B 59 10.87 19.83 6.61
CA TYR B 59 11.91 19.23 7.43
C TYR B 59 12.06 20.03 8.71
N GLN B 60 11.97 19.36 9.86
CA GLN B 60 12.03 20.09 11.13
C GLN B 60 12.69 19.31 12.27
N ASN B 61 13.81 19.85 12.75
CA ASN B 61 14.25 19.53 14.08
C ASN B 61 13.29 20.30 14.99
N MET B 62 12.65 19.64 15.93
CA MET B 62 11.62 20.28 16.74
C MET B 62 12.21 20.92 18.00
N PRO B 63 11.77 22.15 18.32
CA PRO B 63 10.92 23.03 17.51
C PRO B 63 11.74 24.06 16.73
N LEU B 64 12.93 23.67 16.29
CA LEU B 64 13.76 24.51 15.44
C LEU B 64 12.98 24.90 14.17
N PRO B 65 13.43 25.95 13.44
CA PRO B 65 12.54 26.44 12.38
C PRO B 65 12.25 25.36 11.34
N PRO B 66 10.96 25.10 11.10
CA PRO B 66 10.56 24.15 10.06
C PRO B 66 10.97 24.66 8.69
N ALA B 67 11.78 23.89 7.99
CA ALA B 67 12.18 24.23 6.62
C ALA B 67 11.16 23.65 5.65
N TYR B 68 10.76 24.44 4.66
CA TYR B 68 9.73 24.01 3.73
C TYR B 68 10.24 24.02 2.30
N GLY B 69 9.66 23.15 1.47
CA GLY B 69 10.06 23.07 0.09
C GLY B 69 11.39 22.37 -0.06
N ARG B 70 11.52 21.61 -1.15
CA ARG B 70 12.71 20.84 -1.44
C ARG B 70 13.94 21.75 -1.44
N ASP B 71 13.78 22.95 -1.98
CA ASP B 71 14.85 23.92 -2.10
C ASP B 71 15.46 24.30 -0.75
N ALA B 72 14.64 24.81 0.16
CA ALA B 72 15.12 25.22 1.47
C ALA B 72 15.69 24.02 2.22
N VAL B 73 15.00 22.90 2.14
CA VAL B 73 15.50 21.66 2.73
C VAL B 73 16.86 21.31 2.16
N GLU B 74 17.03 21.49 0.85
CA GLU B 74 18.27 21.12 0.18
C GLU B 74 19.49 21.81 0.78
N GLN B 75 19.37 23.10 1.10
CA GLN B 75 20.52 23.82 1.66
C GLN B 75 20.56 23.88 3.19
N THR B 76 19.50 23.46 3.86
CA THR B 76 19.59 23.29 5.30
C THR B 76 20.58 22.15 5.57
N LEU B 77 20.48 21.07 4.79
CA LEU B 77 21.42 19.97 4.92
C LEU B 77 22.83 20.41 4.53
N ALA B 78 23.05 20.64 3.24
CA ALA B 78 24.34 21.06 2.70
C ALA B 78 24.97 22.19 3.52
N GLY B 79 24.16 23.17 3.87
CA GLY B 79 24.61 24.28 4.69
C GLY B 79 25.14 23.79 6.02
N LEU B 80 24.33 23.00 6.71
CA LEU B 80 24.76 22.46 7.99
C LEU B 80 25.74 21.31 7.77
N PHE B 81 25.70 20.72 6.57
CA PHE B 81 26.68 19.71 6.19
C PHE B 81 28.07 20.33 6.00
N THR B 82 28.12 21.63 5.76
CA THR B 82 29.40 22.32 5.65
C THR B 82 30.09 22.31 6.99
N VAL B 83 29.30 22.42 8.05
CA VAL B 83 29.80 22.46 9.41
C VAL B 83 30.01 21.06 9.97
N VAL B 84 28.94 20.27 10.02
CA VAL B 84 28.95 18.97 10.66
C VAL B 84 28.90 17.84 9.63
N SER B 85 29.64 16.77 9.88
CA SER B 85 29.74 15.66 8.95
C SER B 85 29.86 14.32 9.67
N VAL B 86 30.18 13.27 8.91
CA VAL B 86 30.47 11.95 9.45
C VAL B 86 29.29 11.37 10.25
N VAL B 89 23.31 5.59 9.51
CA VAL B 89 24.44 4.67 9.62
C VAL B 89 24.19 3.37 10.45
N GLU B 90 23.41 3.39 11.53
CA GLU B 90 23.18 2.13 12.30
C GLU B 90 21.81 1.93 13.02
N THR B 91 20.79 1.50 12.29
CA THR B 91 19.42 1.61 12.84
C THR B 91 18.94 0.55 13.84
N PHE B 92 18.26 1.02 14.91
CA PHE B 92 17.58 0.19 15.94
C PHE B 92 16.11 -0.19 15.62
N HIS B 93 15.19 0.77 15.53
CA HIS B 93 13.78 0.45 15.20
C HIS B 93 13.18 1.18 13.99
N ILE B 94 12.83 0.42 12.96
CA ILE B 94 12.07 0.96 11.84
C ILE B 94 10.66 0.33 11.78
N GLY B 95 9.65 1.18 11.63
CA GLY B 95 8.27 0.74 11.58
C GLY B 95 7.41 1.79 10.89
N SER B 96 6.13 1.49 10.69
CA SER B 96 5.23 2.44 10.02
C SER B 96 3.79 2.31 10.50
N SER B 97 3.01 3.37 10.37
CA SER B 97 1.60 3.32 10.78
C SER B 97 0.79 4.46 10.16
N ASN B 98 -0.34 4.11 9.53
CA ASN B 98 -1.23 5.10 8.91
C ASN B 98 -0.48 6.10 8.02
N GLY B 99 0.49 5.61 7.26
CA GLY B 99 1.22 6.44 6.31
C GLY B 99 2.39 7.25 6.84
N LEU B 100 2.78 6.95 8.08
CA LEU B 100 3.93 7.56 8.75
C LEU B 100 4.99 6.51 9.03
N VAL B 101 6.24 6.83 8.72
CA VAL B 101 7.34 5.92 9.02
C VAL B 101 8.08 6.45 10.24
N TYR B 102 8.24 5.60 11.24
CA TYR B 102 8.93 5.97 12.48
C TYR B 102 10.33 5.35 12.52
N THR B 103 11.31 6.10 13.01
CA THR B 103 12.72 5.66 12.96
C THR B 103 13.53 5.81 14.27
N GLU B 104 13.93 4.70 14.92
CA GLU B 104 14.74 4.80 16.14
C GLU B 104 16.21 4.55 15.98
N ARG B 105 16.99 5.51 16.46
CA ARG B 105 18.34 5.62 16.00
C ARG B 105 19.36 6.47 16.74
N VAL B 106 20.62 6.18 16.46
CA VAL B 106 21.77 7.06 16.66
C VAL B 106 21.56 8.34 15.87
N ASP B 107 22.53 9.24 15.97
CA ASP B 107 23.18 9.89 14.84
C ASP B 107 24.49 10.43 15.36
N VAL B 108 25.55 9.95 14.71
CA VAL B 108 26.91 10.34 15.04
C VAL B 108 27.41 11.47 14.15
N LEU B 109 27.57 12.63 14.76
CA LEU B 109 27.90 13.84 14.01
C LEU B 109 29.28 14.39 14.39
N SER B 121 20.66 10.31 20.11
CA SER B 121 19.45 9.51 20.36
C SER B 121 18.20 10.23 19.85
N ILE B 122 17.69 9.76 18.72
CA ILE B 122 16.68 10.50 17.97
C ILE B 122 15.50 9.65 17.54
N LEU B 123 14.32 10.12 17.86
CA LEU B 123 13.13 9.50 17.35
C LEU B 123 12.56 10.45 16.32
N GLY B 124 12.50 9.99 15.07
CA GLY B 124 12.08 10.80 13.94
C GLY B 124 10.87 10.22 13.26
N VAL B 125 10.16 11.07 12.52
CA VAL B 125 9.01 10.65 11.74
C VAL B 125 9.27 10.97 10.28
N PHE B 126 8.55 10.27 9.43
CA PHE B 126 8.57 10.54 8.00
C PHE B 126 7.17 10.32 7.46
N GLN B 127 6.68 11.25 6.67
CA GLN B 127 5.47 11.00 5.88
C GLN B 127 5.85 11.06 4.42
N LEU B 128 5.52 10.02 3.67
CA LEU B 128 5.87 9.98 2.26
C LEU B 128 4.65 10.10 1.38
N THR B 129 4.91 10.57 0.16
CA THR B 129 3.93 10.63 -0.89
C THR B 129 4.55 10.05 -2.15
N GLU B 130 4.02 8.93 -2.61
CA GLU B 130 4.51 8.29 -3.83
C GLU B 130 6.02 8.08 -3.84
N GLY B 131 6.57 7.68 -2.70
CA GLY B 131 7.96 7.24 -2.65
C GLY B 131 8.96 8.30 -2.29
N LYS B 132 8.48 9.52 -2.08
CA LYS B 132 9.38 10.60 -1.76
C LYS B 132 8.90 11.32 -0.51
N ILE B 133 9.86 11.86 0.23
CA ILE B 133 9.60 12.44 1.54
C ILE B 133 8.74 13.69 1.48
N THR B 134 7.59 13.61 2.13
CA THR B 134 6.69 14.74 2.26
C THR B 134 6.94 15.47 3.56
N GLY B 135 7.23 14.71 4.62
CA GLY B 135 7.55 15.30 5.91
C GLY B 135 8.67 14.56 6.61
N TRP B 136 9.54 15.30 7.30
CA TRP B 136 10.62 14.70 8.10
C TRP B 136 10.84 15.48 9.38
N ARG B 137 10.53 14.85 10.50
CA ARG B 137 10.62 15.48 11.81
C ARG B 137 11.38 14.59 12.79
N ASP B 138 12.59 14.99 13.15
CA ASP B 138 13.31 14.31 14.21
C ASP B 138 12.92 14.97 15.54
N TYR B 139 12.96 14.20 16.63
CA TYR B 139 12.62 14.70 17.97
C TYR B 139 13.75 14.39 18.94
O01 6VV C . -12.55 -11.74 -8.12
C02 6VV C . -13.94 -12.09 -8.07
C03 6VV C . -14.50 -12.12 -9.26
C04 6VV C . -14.81 -10.58 -9.55
C05 6VV C . -14.70 -9.85 -8.18
C06 6VV C . -14.72 -10.88 -7.31
O07 6VV C . -16.03 -11.32 -6.97
#